data_2IGI
#
_entry.id   2IGI
#
_cell.length_a   91.550
_cell.length_b   91.550
_cell.length_c   111.180
_cell.angle_alpha   90.00
_cell.angle_beta   90.00
_cell.angle_gamma   120.00
#
_symmetry.space_group_name_H-M   'P 65'
#
loop_
_entity.id
_entity.type
_entity.pdbx_description
1 polymer Oligoribonuclease
2 non-polymer 'ZINC ION'
3 non-polymer 'CADMIUM ION'
4 non-polymer 'ACETIC ACID'
5 water water
#
_entity_poly.entity_id   1
_entity_poly.type   'polypeptide(L)'
_entity_poly.pdbx_seq_one_letter_code
;SANENNLIWIDLEMTGLDPERDRIIEIATLVTDANLNILAEGPTIAVHQSDEQLALMDDWNVRTHTASGLVERVKASTMG
DREAELATLEFLKQWVPAGKSPICGNSIGQDRRFLFKYMPELEAYFHYRYLDVSTLKELARRWKPEILDGFTKQGTHQAM
DDIRESVAELAYYREHFIKL
;
_entity_poly.pdbx_strand_id   A,B
#
loop_
_chem_comp.id
_chem_comp.type
_chem_comp.name
_chem_comp.formula
ACY non-polymer 'ACETIC ACID' 'C2 H4 O2'
CD non-polymer 'CADMIUM ION' 'Cd 2'
ZN non-polymer 'ZINC ION' 'Zn 2'
#
# COMPACT_ATOMS: atom_id res chain seq x y z
N SER A 1 18.55 15.95 -14.68
CA SER A 1 18.21 15.81 -13.23
C SER A 1 18.95 14.64 -12.60
N ALA A 2 19.02 14.64 -11.27
CA ALA A 2 19.70 13.58 -10.54
C ALA A 2 18.92 12.28 -10.64
N ASN A 3 19.61 11.21 -11.03
CA ASN A 3 18.97 9.91 -11.18
C ASN A 3 18.36 9.41 -9.87
N GLU A 4 18.91 9.86 -8.75
CA GLU A 4 18.41 9.44 -7.44
C GLU A 4 16.99 9.92 -7.22
N ASN A 5 16.53 10.87 -8.02
CA ASN A 5 15.17 11.39 -7.89
C ASN A 5 14.20 10.79 -8.89
N ASN A 6 14.66 9.83 -9.68
CA ASN A 6 13.78 9.20 -10.66
C ASN A 6 12.82 8.26 -9.95
N LEU A 7 11.62 8.10 -10.52
CA LEU A 7 10.60 7.25 -9.93
C LEU A 7 10.41 5.97 -10.72
N ILE A 8 10.29 4.85 -9.99
CA ILE A 8 10.08 3.55 -10.62
C ILE A 8 8.60 3.19 -10.52
N TRP A 9 7.96 3.05 -11.67
CA TRP A 9 6.56 2.68 -11.74
C TRP A 9 6.46 1.23 -12.15
N ILE A 10 5.58 0.49 -11.49
CA ILE A 10 5.46 -0.93 -11.80
C ILE A 10 4.04 -1.45 -11.70
N ASP A 11 3.71 -2.39 -12.57
CA ASP A 11 2.40 -3.02 -12.52
C ASP A 11 2.55 -4.49 -12.86
N LEU A 12 1.78 -5.31 -12.16
CA LEU A 12 1.80 -6.75 -12.38
C LEU A 12 0.40 -7.24 -12.69
N GLU A 13 0.33 -8.44 -13.25
CA GLU A 13 -0.94 -9.10 -13.50
C GLU A 13 -0.66 -10.45 -12.85
N MET A 14 -1.66 -11.01 -12.17
CA MET A 14 -1.49 -12.28 -11.48
C MET A 14 -2.64 -13.24 -11.80
N THR A 15 -2.50 -14.50 -11.39
CA THR A 15 -3.53 -15.50 -11.63
C THR A 15 -4.69 -15.34 -10.64
N GLY A 16 -4.45 -14.56 -9.60
CA GLY A 16 -5.46 -14.33 -8.57
C GLY A 16 -4.95 -13.34 -7.54
N LEU A 17 -5.71 -13.15 -6.47
CA LEU A 17 -5.33 -12.18 -5.44
C LEU A 17 -4.54 -12.69 -4.23
N ASP A 18 -4.34 -14.00 -4.14
CA ASP A 18 -3.63 -14.57 -3.00
C ASP A 18 -2.19 -14.99 -3.34
N PRO A 19 -1.20 -14.31 -2.74
CA PRO A 19 0.22 -14.60 -2.97
C PRO A 19 0.63 -16.04 -2.70
N GLU A 20 -0.07 -16.70 -1.76
CA GLU A 20 0.25 -18.07 -1.41
C GLU A 20 -0.21 -19.11 -2.43
N ARG A 21 -1.29 -18.80 -3.15
CA ARG A 21 -1.83 -19.74 -4.13
C ARG A 21 -1.71 -19.27 -5.58
N ASP A 22 -1.57 -17.96 -5.77
CA ASP A 22 -1.47 -17.39 -7.11
C ASP A 22 -0.04 -17.02 -7.50
N ARG A 23 0.16 -16.78 -8.79
CA ARG A 23 1.48 -16.42 -9.31
C ARG A 23 1.42 -15.19 -10.20
N ILE A 24 2.60 -14.59 -10.42
CA ILE A 24 2.73 -13.42 -11.28
C ILE A 24 2.73 -13.92 -12.73
N ILE A 25 1.92 -13.31 -13.59
CA ILE A 25 1.92 -13.72 -14.99
C ILE A 25 2.34 -12.61 -15.96
N GLU A 26 2.50 -11.40 -15.44
CA GLU A 26 2.96 -10.29 -16.27
C GLU A 26 3.55 -9.19 -15.42
N ILE A 27 4.59 -8.55 -15.93
CA ILE A 27 5.25 -7.46 -15.23
C ILE A 27 5.65 -6.39 -16.23
N ALA A 28 5.49 -5.14 -15.83
CA ALA A 28 5.87 -4.02 -16.68
C ALA A 28 6.37 -2.89 -15.77
N THR A 29 7.39 -2.18 -16.24
CA THR A 29 7.94 -1.08 -15.47
C THR A 29 8.29 0.07 -16.41
N LEU A 30 8.43 1.26 -15.83
CA LEU A 30 8.83 2.43 -16.57
C LEU A 30 9.41 3.40 -15.55
N VAL A 31 10.21 4.35 -16.02
CA VAL A 31 10.84 5.31 -15.14
C VAL A 31 10.47 6.72 -15.55
N THR A 32 10.15 7.55 -14.56
CA THR A 32 9.81 8.95 -14.82
C THR A 32 10.68 9.79 -13.90
N ASP A 33 10.77 11.09 -14.17
CA ASP A 33 11.53 11.95 -13.27
C ASP A 33 10.52 12.37 -12.20
N ALA A 34 10.92 13.27 -11.32
CA ALA A 34 10.03 13.71 -10.24
C ALA A 34 8.75 14.39 -10.71
N ASN A 35 8.75 14.88 -11.94
CA ASN A 35 7.58 15.57 -12.48
C ASN A 35 6.78 14.76 -13.49
N LEU A 36 6.90 13.44 -13.39
CA LEU A 36 6.17 12.49 -14.23
C LEU A 36 6.56 12.39 -15.70
N ASN A 37 7.68 12.99 -16.09
CA ASN A 37 8.11 12.87 -17.47
C ASN A 37 8.67 11.47 -17.64
N ILE A 38 8.13 10.71 -18.59
CA ILE A 38 8.59 9.35 -18.81
C ILE A 38 9.96 9.38 -19.51
N LEU A 39 10.97 8.87 -18.81
CA LEU A 39 12.33 8.86 -19.33
C LEU A 39 12.69 7.61 -20.12
N ALA A 40 12.08 6.49 -19.75
CA ALA A 40 12.36 5.22 -20.42
C ALA A 40 11.32 4.18 -20.05
N GLU A 41 11.05 3.28 -20.99
CA GLU A 41 10.08 2.21 -20.75
C GLU A 41 10.83 0.90 -20.49
N GLY A 42 10.42 0.20 -19.45
CA GLY A 42 11.06 -1.07 -19.13
C GLY A 42 10.46 -2.20 -19.94
N PRO A 43 10.96 -3.42 -19.75
CA PRO A 43 10.41 -4.54 -20.51
C PRO A 43 9.02 -4.94 -20.02
N THR A 44 8.20 -5.43 -20.94
CA THR A 44 6.87 -5.91 -20.61
C THR A 44 7.04 -7.41 -20.80
N ILE A 45 6.95 -8.14 -19.70
CA ILE A 45 7.18 -9.58 -19.74
C ILE A 45 6.05 -10.47 -19.27
N ALA A 46 5.67 -11.43 -20.12
CA ALA A 46 4.65 -12.40 -19.76
C ALA A 46 5.46 -13.44 -18.99
N VAL A 47 5.13 -13.63 -17.72
CA VAL A 47 5.86 -14.56 -16.87
C VAL A 47 5.30 -15.96 -16.98
N HIS A 48 6.12 -16.88 -17.46
CA HIS A 48 5.70 -18.26 -17.63
C HIS A 48 5.29 -18.93 -16.34
N GLN A 49 4.18 -19.66 -16.39
CA GLN A 49 3.67 -20.42 -15.27
C GLN A 49 3.09 -21.69 -15.88
N SER A 50 3.00 -22.75 -15.09
CA SER A 50 2.49 -24.03 -15.58
C SER A 50 1.00 -24.01 -15.96
N ASP A 51 0.60 -24.97 -16.80
CA ASP A 51 -0.79 -25.06 -17.21
C ASP A 51 -1.62 -25.41 -15.97
N GLU A 52 -1.00 -26.14 -15.04
CA GLU A 52 -1.69 -26.52 -13.81
C GLU A 52 -2.06 -25.27 -13.03
N GLN A 53 -1.12 -24.33 -12.96
CA GLN A 53 -1.34 -23.09 -12.24
C GLN A 53 -2.42 -22.25 -12.93
N LEU A 54 -2.33 -22.16 -14.26
CA LEU A 54 -3.30 -21.39 -15.03
C LEU A 54 -4.70 -21.98 -14.92
N ALA A 55 -4.77 -23.30 -14.79
CA ALA A 55 -6.05 -23.99 -14.69
C ALA A 55 -6.76 -23.68 -13.37
N LEU A 56 -6.07 -23.01 -12.46
CA LEU A 56 -6.65 -22.67 -11.16
C LEU A 56 -7.32 -21.30 -11.15
N MET A 57 -7.15 -20.52 -12.22
CA MET A 57 -7.74 -19.19 -12.27
C MET A 57 -9.26 -19.24 -12.25
N ASP A 58 -9.87 -18.27 -11.57
CA ASP A 58 -11.33 -18.21 -11.49
C ASP A 58 -11.90 -17.56 -12.75
N ASP A 59 -13.22 -17.53 -12.85
CA ASP A 59 -13.88 -16.95 -14.01
C ASP A 59 -13.37 -15.56 -14.41
N TRP A 60 -13.29 -14.66 -13.44
CA TRP A 60 -12.82 -13.30 -13.70
C TRP A 60 -11.43 -13.30 -14.34
N ASN A 61 -10.51 -14.04 -13.75
CA ASN A 61 -9.15 -14.10 -14.26
C ASN A 61 -9.06 -14.76 -15.63
N VAL A 62 -9.87 -15.80 -15.85
CA VAL A 62 -9.85 -16.45 -17.16
C VAL A 62 -10.34 -15.49 -18.22
N ARG A 63 -11.48 -14.84 -17.97
CA ARG A 63 -12.02 -13.88 -18.92
C ARG A 63 -11.06 -12.72 -19.18
N THR A 64 -10.57 -12.14 -18.10
CA THR A 64 -9.67 -11.01 -18.19
C THR A 64 -8.35 -11.29 -18.91
N HIS A 65 -7.66 -12.34 -18.50
CA HIS A 65 -6.38 -12.64 -19.08
C HIS A 65 -6.37 -13.35 -20.44
N THR A 66 -7.53 -13.87 -20.86
CA THR A 66 -7.59 -14.49 -22.17
C THR A 66 -8.00 -13.40 -23.17
N ALA A 67 -8.82 -12.46 -22.71
CA ALA A 67 -9.28 -11.37 -23.56
C ALA A 67 -8.11 -10.48 -23.99
N SER A 68 -7.08 -10.40 -23.14
CA SER A 68 -5.91 -9.57 -23.44
C SER A 68 -4.83 -10.35 -24.18
N GLY A 69 -5.03 -11.66 -24.27
CA GLY A 69 -4.06 -12.50 -24.95
C GLY A 69 -2.90 -12.89 -24.05
N LEU A 70 -2.97 -12.51 -22.78
CA LEU A 70 -1.91 -12.82 -21.84
C LEU A 70 -1.71 -14.31 -21.59
N VAL A 71 -2.80 -15.06 -21.49
CA VAL A 71 -2.68 -16.49 -21.24
C VAL A 71 -1.81 -17.17 -22.31
N GLU A 72 -2.05 -16.85 -23.57
CA GLU A 72 -1.27 -17.44 -24.65
C GLU A 72 0.20 -17.02 -24.55
N ARG A 73 0.43 -15.77 -24.19
CA ARG A 73 1.80 -15.26 -24.05
C ARG A 73 2.50 -15.96 -22.89
N VAL A 74 1.75 -16.22 -21.81
CA VAL A 74 2.30 -16.90 -20.63
C VAL A 74 2.73 -18.32 -20.99
N LYS A 75 1.87 -19.03 -21.70
CA LYS A 75 2.19 -20.41 -22.08
C LYS A 75 3.41 -20.50 -23.01
N ALA A 76 3.59 -19.51 -23.86
CA ALA A 76 4.71 -19.50 -24.80
C ALA A 76 5.96 -18.84 -24.23
N SER A 77 5.82 -18.20 -23.07
CA SER A 77 6.95 -17.53 -22.45
C SER A 77 8.06 -18.46 -21.99
N THR A 78 9.30 -18.00 -22.14
CA THR A 78 10.46 -18.77 -21.71
C THR A 78 11.15 -18.02 -20.58
N MET A 79 10.38 -17.17 -19.90
CA MET A 79 10.90 -16.39 -18.79
C MET A 79 10.02 -16.56 -17.56
N GLY A 80 10.56 -17.25 -16.56
CA GLY A 80 9.82 -17.47 -15.32
C GLY A 80 10.03 -16.32 -14.36
N ASP A 81 9.62 -16.50 -13.10
CA ASP A 81 9.77 -15.43 -12.10
C ASP A 81 11.17 -14.81 -12.07
N ARG A 82 12.16 -15.65 -11.85
CA ARG A 82 13.55 -15.19 -11.74
C ARG A 82 14.08 -14.51 -12.99
N GLU A 83 13.80 -15.09 -14.16
CA GLU A 83 14.26 -14.50 -15.41
C GLU A 83 13.63 -13.13 -15.62
N ALA A 84 12.34 -13.04 -15.30
CA ALA A 84 11.62 -11.78 -15.44
C ALA A 84 12.14 -10.75 -14.45
N GLU A 85 12.43 -11.20 -13.24
CA GLU A 85 12.95 -10.32 -12.20
C GLU A 85 14.32 -9.78 -12.62
N LEU A 86 15.19 -10.66 -13.10
CA LEU A 86 16.52 -10.24 -13.52
C LEU A 86 16.47 -9.27 -14.70
N ALA A 87 15.59 -9.53 -15.66
CA ALA A 87 15.46 -8.66 -16.83
C ALA A 87 14.98 -7.28 -16.41
N THR A 88 14.07 -7.24 -15.45
CA THR A 88 13.54 -5.97 -14.97
C THR A 88 14.62 -5.19 -14.24
N LEU A 89 15.40 -5.88 -13.40
CA LEU A 89 16.47 -5.25 -12.67
C LEU A 89 17.56 -4.74 -13.62
N GLU A 90 17.81 -5.48 -14.68
CA GLU A 90 18.82 -5.09 -15.67
C GLU A 90 18.46 -3.72 -16.23
N PHE A 91 17.16 -3.50 -16.43
CA PHE A 91 16.68 -2.24 -16.95
C PHE A 91 16.73 -1.12 -15.90
N LEU A 92 16.15 -1.39 -14.73
CA LEU A 92 16.12 -0.40 -13.65
C LEU A 92 17.49 0.13 -13.22
N LYS A 93 18.49 -0.76 -13.17
CA LYS A 93 19.83 -0.35 -12.75
C LYS A 93 20.44 0.72 -13.66
N GLN A 94 19.90 0.83 -14.88
CA GLN A 94 20.39 1.80 -15.84
C GLN A 94 19.79 3.18 -15.62
N TRP A 95 18.73 3.25 -14.81
CA TRP A 95 18.04 4.52 -14.59
C TRP A 95 17.85 5.03 -13.17
N VAL A 96 17.77 4.12 -12.20
CA VAL A 96 17.57 4.53 -10.81
C VAL A 96 18.43 3.72 -9.85
N PRO A 97 19.02 4.39 -8.85
CA PRO A 97 19.86 3.68 -7.88
C PRO A 97 18.97 2.83 -6.97
N ALA A 98 19.54 1.78 -6.38
CA ALA A 98 18.78 0.92 -5.49
C ALA A 98 18.37 1.64 -4.20
N GLY A 99 17.18 1.34 -3.71
CA GLY A 99 16.67 1.92 -2.48
C GLY A 99 16.34 3.40 -2.45
N LYS A 100 16.12 4.00 -3.61
CA LYS A 100 15.82 5.43 -3.67
C LYS A 100 14.36 5.74 -3.99
N SER A 101 13.79 5.02 -4.94
CA SER A 101 12.41 5.27 -5.35
C SER A 101 11.35 4.49 -4.60
N PRO A 102 10.27 5.18 -4.20
CA PRO A 102 9.21 4.44 -3.49
C PRO A 102 8.57 3.61 -4.60
N ILE A 103 7.72 2.65 -4.25
CA ILE A 103 7.09 1.86 -5.29
C ILE A 103 5.90 2.68 -5.79
N CYS A 104 5.87 2.96 -7.09
CA CYS A 104 4.82 3.79 -7.68
C CYS A 104 3.82 3.01 -8.54
N GLY A 105 2.53 3.27 -8.32
CA GLY A 105 1.49 2.59 -9.08
C GLY A 105 0.12 2.78 -8.47
N ASN A 106 -0.81 1.86 -8.78
CA ASN A 106 -2.17 1.94 -8.25
C ASN A 106 -2.48 0.75 -7.36
N SER A 107 -3.00 1.00 -6.15
CA SER A 107 -3.31 -0.07 -5.19
C SER A 107 -2.07 -0.95 -5.19
N ILE A 108 -0.94 -0.27 -5.19
CA ILE A 108 0.38 -0.87 -5.26
C ILE A 108 0.78 -1.84 -4.14
N GLY A 109 0.11 -1.76 -3.00
CA GLY A 109 0.43 -2.67 -1.91
C GLY A 109 0.16 -4.11 -2.31
N GLN A 110 -0.86 -4.32 -3.14
CA GLN A 110 -1.22 -5.67 -3.58
C GLN A 110 -0.08 -6.24 -4.43
N ASP A 111 0.45 -5.42 -5.34
CA ASP A 111 1.55 -5.86 -6.19
C ASP A 111 2.78 -6.14 -5.34
N ARG A 112 3.03 -5.28 -4.35
CA ARG A 112 4.20 -5.46 -3.51
C ARG A 112 4.18 -6.81 -2.78
N ARG A 113 2.99 -7.26 -2.39
CA ARG A 113 2.88 -8.56 -1.70
C ARG A 113 3.45 -9.66 -2.59
N PHE A 114 3.15 -9.59 -3.88
CA PHE A 114 3.67 -10.60 -4.80
C PHE A 114 5.16 -10.45 -5.03
N LEU A 115 5.66 -9.21 -4.98
CA LEU A 115 7.09 -9.00 -5.17
C LEU A 115 7.82 -9.60 -3.97
N PHE A 116 7.33 -9.34 -2.76
CA PHE A 116 7.94 -9.90 -1.56
C PHE A 116 8.08 -11.42 -1.65
N LYS A 117 7.03 -12.06 -2.14
CA LYS A 117 6.99 -13.51 -2.26
C LYS A 117 7.78 -14.13 -3.40
N TYR A 118 7.63 -13.59 -4.60
CA TYR A 118 8.28 -14.14 -5.78
C TYR A 118 9.45 -13.40 -6.39
N MET A 119 9.59 -12.12 -6.10
CA MET A 119 10.70 -11.34 -6.65
C MET A 119 11.26 -10.43 -5.56
N PRO A 120 11.78 -11.03 -4.47
CA PRO A 120 12.33 -10.26 -3.35
C PRO A 120 13.49 -9.33 -3.67
N GLU A 121 14.30 -9.68 -4.68
CA GLU A 121 15.42 -8.81 -5.02
C GLU A 121 14.85 -7.54 -5.65
N LEU A 122 13.87 -7.68 -6.52
CA LEU A 122 13.25 -6.52 -7.15
C LEU A 122 12.51 -5.71 -6.09
N GLU A 123 11.82 -6.37 -5.16
CA GLU A 123 11.11 -5.65 -4.12
C GLU A 123 12.10 -4.81 -3.33
N ALA A 124 13.25 -5.39 -3.01
CA ALA A 124 14.27 -4.68 -2.24
C ALA A 124 14.89 -3.50 -2.98
N TYR A 125 14.73 -3.46 -4.30
CA TYR A 125 15.30 -2.37 -5.08
C TYR A 125 14.58 -1.06 -4.77
N PHE A 126 13.34 -1.16 -4.30
CA PHE A 126 12.56 0.03 -3.96
C PHE A 126 12.86 0.53 -2.57
N HIS A 127 12.55 1.81 -2.34
CA HIS A 127 12.70 2.41 -1.02
C HIS A 127 11.48 1.87 -0.27
N TYR A 128 11.49 1.98 1.06
CA TYR A 128 10.37 1.50 1.90
C TYR A 128 9.03 2.11 1.50
N ARG A 129 9.07 3.40 1.21
CA ARG A 129 7.88 4.17 0.87
C ARG A 129 7.00 3.72 -0.28
N TYR A 130 5.76 4.19 -0.22
CA TYR A 130 4.74 3.90 -1.22
C TYR A 130 4.26 5.19 -1.88
N LEU A 131 3.93 5.12 -3.16
CA LEU A 131 3.39 6.26 -3.88
C LEU A 131 2.20 5.66 -4.64
N ASP A 132 1.07 5.60 -3.97
CA ASP A 132 -0.15 5.01 -4.53
C ASP A 132 -1.09 6.08 -5.08
N VAL A 133 -1.24 6.09 -6.40
CA VAL A 133 -2.09 7.07 -7.07
C VAL A 133 -3.57 6.95 -6.65
N SER A 134 -3.97 5.76 -6.23
CA SER A 134 -5.36 5.53 -5.83
C SER A 134 -5.83 6.42 -4.68
N THR A 135 -4.89 6.96 -3.91
CA THR A 135 -5.26 7.83 -2.81
C THR A 135 -6.02 9.05 -3.34
N LEU A 136 -5.53 9.62 -4.43
CA LEU A 136 -6.16 10.78 -5.02
C LEU A 136 -7.56 10.46 -5.55
N LYS A 137 -7.70 9.28 -6.15
CA LYS A 137 -9.01 8.89 -6.67
C LYS A 137 -10.00 8.73 -5.52
N GLU A 138 -9.54 8.10 -4.44
CA GLU A 138 -10.40 7.88 -3.28
C GLU A 138 -10.82 9.18 -2.62
N LEU A 139 -9.93 10.17 -2.65
CA LEU A 139 -10.25 11.47 -2.06
C LEU A 139 -11.20 12.22 -2.97
N ALA A 140 -10.96 12.17 -4.28
CA ALA A 140 -11.80 12.85 -5.25
C ALA A 140 -13.21 12.24 -5.24
N ARG A 141 -13.26 10.93 -5.07
CA ARG A 141 -14.53 10.20 -5.05
C ARG A 141 -15.43 10.73 -3.94
N ARG A 142 -14.82 11.16 -2.84
CA ARG A 142 -15.56 11.66 -1.69
C ARG A 142 -15.66 13.19 -1.59
N TRP A 143 -14.67 13.91 -2.07
CA TRP A 143 -14.68 15.37 -1.97
C TRP A 143 -14.94 16.15 -3.27
N LYS A 144 -14.73 15.52 -4.41
CA LYS A 144 -14.93 16.20 -5.69
C LYS A 144 -15.22 15.17 -6.78
N PRO A 145 -16.33 14.42 -6.64
CA PRO A 145 -16.76 13.38 -7.58
C PRO A 145 -16.75 13.77 -9.06
N GLU A 146 -16.99 15.05 -9.33
CA GLU A 146 -17.04 15.55 -10.70
C GLU A 146 -15.83 15.21 -11.56
N ILE A 147 -14.63 15.40 -11.01
CA ILE A 147 -13.41 15.13 -11.78
C ILE A 147 -13.19 13.67 -12.15
N LEU A 148 -13.83 12.74 -11.45
CA LEU A 148 -13.67 11.33 -11.75
C LEU A 148 -14.10 11.02 -13.18
N ASP A 149 -15.13 11.72 -13.65
CA ASP A 149 -15.66 11.51 -15.00
C ASP A 149 -14.72 12.06 -16.08
N GLY A 150 -13.78 12.90 -15.67
CA GLY A 150 -12.86 13.49 -16.63
C GLY A 150 -11.73 12.57 -17.07
N PHE A 151 -11.56 11.46 -16.36
CA PHE A 151 -10.52 10.49 -16.69
C PHE A 151 -11.12 9.09 -16.76
N THR A 152 -11.00 8.46 -17.93
CA THR A 152 -11.55 7.13 -18.11
C THR A 152 -10.46 6.05 -18.20
N LYS A 153 -10.63 4.98 -17.43
CA LYS A 153 -9.70 3.88 -17.44
C LYS A 153 -10.24 2.77 -18.32
N GLN A 154 -9.35 1.98 -18.92
CA GLN A 154 -9.76 0.90 -19.80
C GLN A 154 -10.10 -0.37 -19.05
N GLY A 155 -9.45 -0.60 -17.91
CA GLY A 155 -9.72 -1.78 -17.11
C GLY A 155 -9.47 -3.10 -17.80
N THR A 156 -8.51 -3.12 -18.72
CA THR A 156 -8.17 -4.33 -19.47
C THR A 156 -7.10 -5.17 -18.79
N HIS A 157 -6.50 -4.62 -17.73
CA HIS A 157 -5.47 -5.33 -16.99
C HIS A 157 -4.30 -5.83 -17.82
N GLN A 158 -3.73 -4.92 -18.60
CA GLN A 158 -2.56 -5.21 -19.41
C GLN A 158 -1.50 -4.37 -18.70
N ALA A 159 -0.47 -5.03 -18.20
CA ALA A 159 0.59 -4.39 -17.42
C ALA A 159 1.16 -3.06 -17.91
N MET A 160 1.68 -3.01 -19.14
CA MET A 160 2.25 -1.76 -19.60
C MET A 160 1.21 -0.69 -19.84
N ASP A 161 0.07 -1.05 -20.41
CA ASP A 161 -0.97 -0.05 -20.64
C ASP A 161 -1.44 0.48 -19.30
N ASP A 162 -1.56 -0.41 -18.32
CA ASP A 162 -2.00 -0.02 -16.98
C ASP A 162 -1.05 0.96 -16.30
N ILE A 163 0.23 0.65 -16.30
CA ILE A 163 1.17 1.53 -15.62
C ILE A 163 1.29 2.89 -16.32
N ARG A 164 1.19 2.91 -17.64
CA ARG A 164 1.25 4.19 -18.36
C ARG A 164 0.00 4.98 -18.02
N GLU A 165 -1.12 4.27 -17.88
CA GLU A 165 -2.39 4.88 -17.54
C GLU A 165 -2.31 5.47 -16.13
N SER A 166 -1.62 4.77 -15.24
CA SER A 166 -1.48 5.26 -13.86
C SER A 166 -0.71 6.57 -13.81
N VAL A 167 0.33 6.70 -14.62
CA VAL A 167 1.10 7.94 -14.65
C VAL A 167 0.21 9.06 -15.20
N ALA A 168 -0.55 8.73 -16.25
CA ALA A 168 -1.45 9.70 -16.86
C ALA A 168 -2.54 10.11 -15.88
N GLU A 169 -3.01 9.16 -15.08
CA GLU A 169 -4.05 9.45 -14.09
C GLU A 169 -3.52 10.44 -13.06
N LEU A 170 -2.27 10.22 -12.63
CA LEU A 170 -1.66 11.11 -11.65
C LEU A 170 -1.48 12.51 -12.24
N ALA A 171 -1.08 12.57 -13.51
CA ALA A 171 -0.89 13.86 -14.17
C ALA A 171 -2.23 14.57 -14.24
N TYR A 172 -3.29 13.80 -14.46
CA TYR A 172 -4.64 14.35 -14.54
C TYR A 172 -5.01 14.99 -13.20
N TYR A 173 -4.73 14.30 -12.11
CA TYR A 173 -5.06 14.83 -10.79
C TYR A 173 -4.20 16.03 -10.42
N ARG A 174 -2.95 16.05 -10.89
CA ARG A 174 -2.08 17.17 -10.59
C ARG A 174 -2.67 18.45 -11.18
N GLU A 175 -3.29 18.29 -12.35
CA GLU A 175 -3.89 19.41 -13.05
C GLU A 175 -5.28 19.83 -12.56
N HIS A 176 -6.10 18.85 -12.18
CA HIS A 176 -7.46 19.12 -11.74
C HIS A 176 -7.81 18.96 -10.27
N PHE A 177 -6.92 18.39 -9.48
CA PHE A 177 -7.22 18.17 -8.07
C PHE A 177 -6.14 18.64 -7.09
N ILE A 178 -4.98 19.03 -7.61
CA ILE A 178 -3.90 19.48 -6.76
C ILE A 178 -3.66 20.98 -6.85
N LYS A 179 -3.48 21.61 -5.69
CA LYS A 179 -3.22 23.04 -5.62
C LYS A 179 -1.72 23.28 -5.50
N LEU A 180 -1.09 23.60 -6.63
CA LEU A 180 0.34 23.85 -6.67
C LEU A 180 0.66 25.29 -6.27
N ALA B 2 -23.96 2.39 12.37
CA ALA B 2 -23.04 1.99 11.26
C ALA B 2 -23.45 2.65 9.94
N ASN B 3 -22.48 3.22 9.25
CA ASN B 3 -22.72 3.89 7.98
C ASN B 3 -21.63 3.48 6.99
N GLU B 4 -22.04 3.02 5.81
CA GLU B 4 -21.09 2.58 4.79
C GLU B 4 -20.17 3.68 4.30
N ASN B 5 -20.49 4.92 4.65
CA ASN B 5 -19.67 6.05 4.22
C ASN B 5 -18.57 6.39 5.22
N ASN B 6 -18.57 5.74 6.38
CA ASN B 6 -17.55 5.99 7.38
C ASN B 6 -16.25 5.29 7.00
N LEU B 7 -15.13 5.89 7.39
CA LEU B 7 -13.82 5.34 7.09
C LEU B 7 -13.14 4.72 8.29
N ILE B 8 -12.46 3.60 8.06
CA ILE B 8 -11.75 2.90 9.12
C ILE B 8 -10.26 3.20 9.03
N TRP B 9 -9.72 3.81 10.07
CA TRP B 9 -8.30 4.15 10.15
C TRP B 9 -7.63 3.20 11.12
N ILE B 10 -6.45 2.72 10.74
CA ILE B 10 -5.74 1.77 11.60
C ILE B 10 -4.23 1.97 11.56
N ASP B 11 -3.59 1.73 12.70
CA ASP B 11 -2.14 1.80 12.79
C ASP B 11 -1.67 0.72 13.74
N LEU B 12 -0.54 0.11 13.40
CA LEU B 12 0.04 -0.95 14.20
C LEU B 12 1.47 -0.61 14.54
N GLU B 13 1.98 -1.29 15.56
CA GLU B 13 3.38 -1.16 15.94
C GLU B 13 3.78 -2.63 15.94
N MET B 14 4.99 -2.92 15.47
CA MET B 14 5.46 -4.31 15.40
C MET B 14 6.86 -4.43 15.99
N THR B 15 7.32 -5.66 16.18
CA THR B 15 8.65 -5.90 16.71
C THR B 15 9.69 -5.72 15.61
N GLY B 16 9.22 -5.65 14.37
CA GLY B 16 10.11 -5.49 13.23
C GLY B 16 9.33 -5.33 11.94
N LEU B 17 10.03 -5.35 10.81
CA LEU B 17 9.41 -5.16 9.51
C LEU B 17 9.03 -6.42 8.71
N ASP B 18 9.39 -7.59 9.21
CA ASP B 18 9.11 -8.84 8.51
C ASP B 18 7.95 -9.62 9.13
N PRO B 19 6.83 -9.74 8.42
CA PRO B 19 5.66 -10.47 8.94
C PRO B 19 5.95 -11.93 9.30
N GLU B 20 6.90 -12.54 8.60
CA GLU B 20 7.25 -13.93 8.82
C GLU B 20 7.96 -14.21 10.14
N ARG B 21 8.62 -13.20 10.70
CA ARG B 21 9.35 -13.37 11.95
C ARG B 21 8.93 -12.42 13.05
N ASP B 22 8.44 -11.25 12.66
CA ASP B 22 8.00 -10.25 13.63
C ASP B 22 6.53 -10.38 13.98
N ARG B 23 6.13 -9.71 15.06
CA ARG B 23 4.75 -9.78 15.51
C ARG B 23 4.16 -8.39 15.80
N ILE B 24 2.84 -8.33 15.85
CA ILE B 24 2.13 -7.09 16.15
C ILE B 24 2.20 -6.89 17.66
N ILE B 25 2.61 -5.71 18.11
CA ILE B 25 2.68 -5.44 19.54
C ILE B 25 1.72 -4.33 19.98
N GLU B 26 1.11 -3.64 19.03
CA GLU B 26 0.13 -2.62 19.36
C GLU B 26 -0.79 -2.35 18.18
N ILE B 27 -2.06 -2.12 18.49
CA ILE B 27 -3.04 -1.82 17.46
C ILE B 27 -3.97 -0.72 17.94
N ALA B 28 -4.31 0.18 17.04
CA ALA B 28 -5.22 1.27 17.36
C ALA B 28 -6.05 1.54 16.12
N THR B 29 -7.34 1.79 16.32
CA THR B 29 -8.24 2.10 15.22
C THR B 29 -9.16 3.23 15.64
N LEU B 30 -9.75 3.87 14.65
CA LEU B 30 -10.70 4.94 14.90
C LEU B 30 -11.52 5.07 13.63
N VAL B 31 -12.68 5.70 13.75
CA VAL B 31 -13.56 5.88 12.61
C VAL B 31 -13.84 7.35 12.39
N THR B 32 -13.84 7.77 11.13
CA THR B 32 -14.12 9.15 10.79
C THR B 32 -15.21 9.14 9.73
N ASP B 33 -15.84 10.29 9.50
CA ASP B 33 -16.84 10.35 8.44
C ASP B 33 -16.04 10.68 7.18
N ALA B 34 -16.73 10.85 6.07
CA ALA B 34 -16.06 11.14 4.81
C ALA B 34 -15.28 12.45 4.83
N ASN B 35 -15.59 13.33 5.78
CA ASN B 35 -14.92 14.61 5.89
C ASN B 35 -13.84 14.67 6.97
N LEU B 36 -13.38 13.50 7.40
CA LEU B 36 -12.30 13.38 8.38
C LEU B 36 -12.62 13.73 9.83
N ASN B 37 -13.90 13.81 10.18
CA ASN B 37 -14.26 14.09 11.55
C ASN B 37 -14.18 12.76 12.30
N ILE B 38 -13.39 12.73 13.38
CA ILE B 38 -13.25 11.52 14.17
C ILE B 38 -14.55 11.31 14.94
N LEU B 39 -15.26 10.23 14.60
CA LEU B 39 -16.53 9.92 15.23
C LEU B 39 -16.36 9.12 16.51
N ALA B 40 -15.32 8.29 16.57
CA ALA B 40 -15.07 7.48 17.75
C ALA B 40 -13.72 6.79 17.69
N GLU B 41 -13.08 6.64 18.84
CA GLU B 41 -11.79 5.97 18.93
C GLU B 41 -12.00 4.51 19.28
N GLY B 42 -11.30 3.64 18.57
CA GLY B 42 -11.41 2.22 18.85
C GLY B 42 -10.47 1.91 19.99
N PRO B 43 -10.35 0.63 20.37
CA PRO B 43 -9.45 0.30 21.47
C PRO B 43 -7.97 0.42 21.10
N THR B 44 -7.16 0.87 22.05
CA THR B 44 -5.72 0.98 21.86
C THR B 44 -5.23 -0.21 22.66
N ILE B 45 -4.78 -1.24 21.96
CA ILE B 45 -4.35 -2.46 22.62
C ILE B 45 -2.90 -2.86 22.44
N ALA B 46 -2.23 -3.09 23.56
CA ALA B 46 -0.85 -3.56 23.53
C ALA B 46 -1.06 -5.06 23.38
N VAL B 47 -0.58 -5.62 22.26
CA VAL B 47 -0.75 -7.05 21.99
C VAL B 47 0.34 -7.88 22.64
N HIS B 48 -0.07 -8.79 23.52
CA HIS B 48 0.89 -9.63 24.21
C HIS B 48 1.70 -10.53 23.28
N GLN B 49 3.00 -10.56 23.53
CA GLN B 49 3.93 -11.39 22.78
C GLN B 49 4.97 -11.88 23.81
N SER B 50 5.53 -13.05 23.58
CA SER B 50 6.51 -13.62 24.50
C SER B 50 7.78 -12.79 24.68
N ASP B 51 8.44 -12.99 25.81
CA ASP B 51 9.69 -12.27 26.07
C ASP B 51 10.71 -12.67 25.01
N GLU B 52 10.62 -13.93 24.58
CA GLU B 52 11.53 -14.44 23.56
C GLU B 52 11.37 -13.65 22.26
N GLN B 53 10.12 -13.34 21.92
CA GLN B 53 9.85 -12.59 20.70
C GLN B 53 10.38 -11.17 20.83
N LEU B 54 10.13 -10.55 21.98
CA LEU B 54 10.60 -9.18 22.24
C LEU B 54 12.12 -9.09 22.25
N ALA B 55 12.78 -10.17 22.66
CA ALA B 55 14.24 -10.20 22.73
C ALA B 55 14.88 -10.18 21.34
N LEU B 56 14.08 -10.39 20.31
CA LEU B 56 14.59 -10.40 18.95
C LEU B 56 14.59 -9.03 18.29
N MET B 57 13.93 -8.05 18.91
CA MET B 57 13.89 -6.71 18.35
C MET B 57 15.28 -6.11 18.19
N ASP B 58 15.49 -5.35 17.12
CA ASP B 58 16.78 -4.72 16.89
C ASP B 58 16.87 -3.42 17.69
N ASP B 59 18.02 -2.76 17.63
CA ASP B 59 18.24 -1.52 18.37
C ASP B 59 17.14 -0.47 18.19
N TRP B 60 16.81 -0.18 16.94
CA TRP B 60 15.77 0.82 16.66
C TRP B 60 14.47 0.50 17.38
N ASN B 61 14.03 -0.75 17.25
CA ASN B 61 12.78 -1.18 17.87
C ASN B 61 12.84 -1.16 19.40
N VAL B 62 13.98 -1.56 19.96
CA VAL B 62 14.12 -1.55 21.41
C VAL B 62 14.02 -0.11 21.92
N ARG B 63 14.78 0.80 21.29
CA ARG B 63 14.77 2.21 21.70
C ARG B 63 13.39 2.82 21.56
N THR B 64 12.77 2.57 20.40
CA THR B 64 11.46 3.13 20.10
C THR B 64 10.33 2.64 20.99
N HIS B 65 10.21 1.32 21.13
CA HIS B 65 9.13 0.76 21.92
C HIS B 65 9.33 0.76 23.43
N THR B 66 10.53 1.08 23.90
CA THR B 66 10.74 1.18 25.35
C THR B 66 10.51 2.63 25.75
N ALA B 67 10.86 3.55 24.86
CA ALA B 67 10.68 4.98 25.12
C ALA B 67 9.21 5.34 25.25
N SER B 68 8.36 4.65 24.49
CA SER B 68 6.93 4.89 24.51
C SER B 68 6.26 4.13 25.65
N GLY B 69 6.99 3.18 26.23
CA GLY B 69 6.45 2.38 27.32
C GLY B 69 5.68 1.18 26.82
N LEU B 70 5.67 0.98 25.50
CA LEU B 70 4.94 -0.14 24.91
C LEU B 70 5.44 -1.52 25.35
N VAL B 71 6.75 -1.70 25.45
CA VAL B 71 7.30 -2.98 25.85
C VAL B 71 6.72 -3.44 27.19
N GLU B 72 6.68 -2.54 28.17
CA GLU B 72 6.13 -2.90 29.47
C GLU B 72 4.64 -3.25 29.37
N ARG B 73 3.92 -2.54 28.51
CA ARG B 73 2.50 -2.80 28.32
C ARG B 73 2.28 -4.13 27.64
N VAL B 74 3.19 -4.49 26.74
CA VAL B 74 3.10 -5.76 26.02
C VAL B 74 3.29 -6.92 26.99
N LYS B 75 4.29 -6.83 27.85
CA LYS B 75 4.57 -7.90 28.82
C LYS B 75 3.44 -8.09 29.81
N ALA B 76 2.73 -7.01 30.15
CA ALA B 76 1.64 -7.07 31.11
C ALA B 76 0.29 -7.33 30.45
N SER B 77 0.27 -7.30 29.12
CA SER B 77 -0.97 -7.51 28.36
C SER B 77 -1.52 -8.92 28.47
N THR B 78 -2.84 -9.01 28.57
CA THR B 78 -3.52 -10.30 28.65
C THR B 78 -4.35 -10.48 27.38
N MET B 79 -3.98 -9.74 26.34
CA MET B 79 -4.68 -9.81 25.06
C MET B 79 -3.72 -10.10 23.92
N GLY B 80 -3.84 -11.29 23.34
CA GLY B 80 -2.98 -11.68 22.24
C GLY B 80 -3.59 -11.23 20.93
N ASP B 81 -3.02 -11.69 19.81
CA ASP B 81 -3.51 -11.31 18.49
C ASP B 81 -5.01 -11.48 18.32
N ARG B 82 -5.51 -12.69 18.57
CA ARG B 82 -6.92 -12.98 18.41
C ARG B 82 -7.83 -12.14 19.30
N GLU B 83 -7.46 -11.98 20.57
CA GLU B 83 -8.27 -11.21 21.49
C GLU B 83 -8.31 -9.75 21.05
N ALA B 84 -7.18 -9.24 20.57
CA ALA B 84 -7.10 -7.85 20.11
C ALA B 84 -7.90 -7.69 18.82
N GLU B 85 -7.83 -8.70 17.96
CA GLU B 85 -8.57 -8.68 16.70
C GLU B 85 -10.07 -8.64 16.97
N LEU B 86 -10.53 -9.53 17.85
CA LEU B 86 -11.95 -9.59 18.18
C LEU B 86 -12.46 -8.30 18.82
N ALA B 87 -11.67 -7.74 19.74
CA ALA B 87 -12.05 -6.50 20.41
C ALA B 87 -12.17 -5.37 19.41
N THR B 88 -11.27 -5.35 18.43
CA THR B 88 -11.29 -4.32 17.41
C THR B 88 -12.51 -4.49 16.50
N LEU B 89 -12.82 -5.73 16.15
CA LEU B 89 -13.97 -6.01 15.30
C LEU B 89 -15.27 -5.63 15.99
N GLU B 90 -15.36 -5.91 17.29
CA GLU B 90 -16.56 -5.59 18.05
C GLU B 90 -16.82 -4.09 17.98
N PHE B 91 -15.74 -3.31 17.96
CA PHE B 91 -15.85 -1.86 17.88
C PHE B 91 -16.27 -1.41 16.48
N LEU B 92 -15.54 -1.86 15.47
CA LEU B 92 -15.82 -1.48 14.08
C LEU B 92 -17.24 -1.81 13.62
N LYS B 93 -17.78 -2.94 14.06
CA LYS B 93 -19.13 -3.34 13.65
C LYS B 93 -20.19 -2.33 14.03
N GLN B 94 -19.87 -1.48 15.02
CA GLN B 94 -20.82 -0.47 15.48
C GLN B 94 -20.79 0.80 14.63
N TRP B 95 -19.75 0.95 13.82
CA TRP B 95 -19.62 2.15 13.00
C TRP B 95 -19.54 1.98 11.49
N VAL B 96 -19.02 0.85 11.02
CA VAL B 96 -18.86 0.62 9.60
C VAL B 96 -19.15 -0.82 9.20
N PRO B 97 -19.96 -1.01 8.14
CA PRO B 97 -20.29 -2.36 7.68
C PRO B 97 -19.04 -3.02 7.07
N ALA B 98 -18.98 -4.34 7.09
CA ALA B 98 -17.84 -5.06 6.55
C ALA B 98 -17.70 -4.86 5.03
N GLY B 99 -16.45 -4.81 4.58
CA GLY B 99 -16.15 -4.65 3.16
C GLY B 99 -16.51 -3.34 2.49
N LYS B 100 -16.68 -2.28 3.27
CA LYS B 100 -17.05 -0.99 2.71
C LYS B 100 -15.92 0.04 2.70
N SER B 101 -15.17 0.11 3.79
CA SER B 101 -14.09 1.08 3.89
C SER B 101 -12.72 0.61 3.46
N PRO B 102 -12.00 1.43 2.69
CA PRO B 102 -10.67 1.02 2.28
C PRO B 102 -9.83 1.12 3.55
N ILE B 103 -8.63 0.56 3.54
CA ILE B 103 -7.80 0.65 4.73
C ILE B 103 -7.13 2.04 4.71
N CYS B 104 -7.37 2.82 5.77
CA CYS B 104 -6.83 4.17 5.84
C CYS B 104 -5.68 4.32 6.83
N GLY B 105 -4.61 4.97 6.39
CA GLY B 105 -3.46 5.17 7.25
C GLY B 105 -2.26 5.67 6.48
N ASN B 106 -1.06 5.46 7.03
CA ASN B 106 0.18 5.90 6.40
C ASN B 106 1.10 4.72 6.08
N SER B 107 1.55 4.62 4.82
CA SER B 107 2.39 3.50 4.39
C SER B 107 1.64 2.28 4.88
N ILE B 108 0.33 2.34 4.69
CA ILE B 108 -0.59 1.31 5.16
C ILE B 108 -0.41 -0.09 4.58
N GLY B 109 0.28 -0.21 3.45
CA GLY B 109 0.51 -1.51 2.87
C GLY B 109 1.31 -2.39 3.82
N GLN B 110 2.23 -1.79 4.55
CA GLN B 110 3.05 -2.53 5.49
C GLN B 110 2.19 -3.10 6.62
N ASP B 111 1.29 -2.28 7.17
CA ASP B 111 0.42 -2.75 8.23
C ASP B 111 -0.48 -3.87 7.72
N ARG B 112 -0.98 -3.71 6.50
CA ARG B 112 -1.87 -4.72 5.93
C ARG B 112 -1.19 -6.07 5.84
N ARG B 113 0.12 -6.10 5.58
CA ARG B 113 0.82 -7.38 5.49
C ARG B 113 0.68 -8.11 6.82
N PHE B 114 0.84 -7.39 7.92
CA PHE B 114 0.71 -8.01 9.23
C PHE B 114 -0.72 -8.42 9.52
N LEU B 115 -1.68 -7.66 9.00
CA LEU B 115 -3.08 -8.01 9.21
C LEU B 115 -3.37 -9.32 8.47
N PHE B 116 -2.88 -9.44 7.24
CA PHE B 116 -3.08 -10.65 6.45
C PHE B 116 -2.59 -11.90 7.19
N LYS B 117 -1.43 -11.78 7.82
CA LYS B 117 -0.85 -12.91 8.51
C LYS B 117 -1.36 -13.20 9.93
N TYR B 118 -1.59 -12.16 10.72
CA TYR B 118 -2.03 -12.37 12.10
C TYR B 118 -3.47 -12.02 12.46
N MET B 119 -4.12 -11.19 11.65
CA MET B 119 -5.50 -10.81 11.90
C MET B 119 -6.27 -10.79 10.59
N PRO B 120 -6.35 -11.95 9.92
CA PRO B 120 -7.06 -12.08 8.63
C PRO B 120 -8.54 -11.70 8.66
N GLU B 121 -9.22 -11.92 9.78
CA GLU B 121 -10.63 -11.58 9.85
C GLU B 121 -10.75 -10.05 9.80
N LEU B 122 -9.89 -9.37 10.57
CA LEU B 122 -9.91 -7.92 10.58
C LEU B 122 -9.50 -7.39 9.19
N GLU B 123 -8.50 -8.01 8.58
CA GLU B 123 -8.06 -7.57 7.25
C GLU B 123 -9.23 -7.65 6.27
N ALA B 124 -9.98 -8.75 6.35
CA ALA B 124 -11.12 -8.96 5.45
C ALA B 124 -12.27 -7.99 5.71
N TYR B 125 -12.26 -7.33 6.86
CA TYR B 125 -13.32 -6.39 7.17
C TYR B 125 -13.21 -5.16 6.28
N PHE B 126 -11.99 -4.90 5.79
CA PHE B 126 -11.77 -3.76 4.90
C PHE B 126 -12.12 -4.07 3.47
N HIS B 127 -12.37 -3.03 2.69
CA HIS B 127 -12.64 -3.16 1.27
C HIS B 127 -11.23 -3.37 0.67
N TYR B 128 -11.16 -3.88 -0.55
CA TYR B 128 -9.88 -4.12 -1.24
C TYR B 128 -9.00 -2.87 -1.27
N ARG B 129 -9.64 -1.73 -1.54
CA ARG B 129 -8.95 -0.47 -1.68
C ARG B 129 -8.06 0.03 -0.54
N TYR B 130 -7.12 0.90 -0.93
CA TYR B 130 -6.18 1.52 -0.01
C TYR B 130 -6.39 3.03 -0.03
N LEU B 131 -6.20 3.68 1.11
CA LEU B 131 -6.28 5.12 1.21
C LEU B 131 -5.05 5.47 2.05
N ASP B 132 -3.91 5.59 1.36
CA ASP B 132 -2.65 5.88 2.00
C ASP B 132 -2.34 7.38 1.96
N VAL B 133 -2.42 8.02 3.13
CA VAL B 133 -2.15 9.45 3.23
C VAL B 133 -0.75 9.83 2.75
N SER B 134 0.21 8.92 2.88
CA SER B 134 1.58 9.21 2.48
C SER B 134 1.72 9.63 1.02
N THR B 135 0.75 9.29 0.20
CA THR B 135 0.81 9.69 -1.21
C THR B 135 0.91 11.20 -1.33
N LEU B 136 0.10 11.91 -0.55
CA LEU B 136 0.10 13.37 -0.59
C LEU B 136 1.43 13.95 -0.13
N LYS B 137 2.00 13.36 0.92
CA LYS B 137 3.28 13.85 1.42
C LYS B 137 4.37 13.65 0.38
N GLU B 138 4.38 12.48 -0.25
CA GLU B 138 5.38 12.18 -1.27
C GLU B 138 5.26 13.10 -2.47
N LEU B 139 4.03 13.45 -2.85
CA LEU B 139 3.82 14.33 -3.99
C LEU B 139 4.23 15.76 -3.62
N ALA B 140 3.85 16.20 -2.42
CA ALA B 140 4.19 17.55 -1.98
C ALA B 140 5.71 17.69 -1.84
N ARG B 141 6.34 16.63 -1.36
CA ARG B 141 7.79 16.63 -1.19
C ARG B 141 8.47 16.98 -2.51
N ARG B 142 7.86 16.54 -3.60
CA ARG B 142 8.41 16.77 -4.94
C ARG B 142 7.85 17.97 -5.70
N TRP B 143 6.58 18.29 -5.49
CA TRP B 143 5.97 19.39 -6.22
C TRP B 143 5.71 20.68 -5.45
N LYS B 144 5.64 20.60 -4.13
CA LYS B 144 5.38 21.78 -3.31
C LYS B 144 5.96 21.58 -1.91
N PRO B 145 7.30 21.48 -1.83
CA PRO B 145 8.04 21.28 -0.58
C PRO B 145 7.71 22.27 0.54
N GLU B 146 7.35 23.49 0.15
CA GLU B 146 7.04 24.54 1.10
C GLU B 146 6.04 24.13 2.18
N ILE B 147 5.01 23.38 1.79
CA ILE B 147 3.99 22.97 2.75
C ILE B 147 4.40 21.81 3.66
N LEU B 148 5.55 21.20 3.38
CA LEU B 148 6.03 20.09 4.20
C LEU B 148 6.32 20.52 5.63
N ASP B 149 6.89 21.72 5.78
CA ASP B 149 7.23 22.24 7.09
C ASP B 149 6.01 22.69 7.88
N GLY B 150 4.86 22.77 7.21
CA GLY B 150 3.64 23.20 7.85
C GLY B 150 3.04 22.18 8.81
N PHE B 151 3.33 20.91 8.57
CA PHE B 151 2.83 19.84 9.43
C PHE B 151 3.99 18.96 9.84
N THR B 152 4.17 18.78 11.14
CA THR B 152 5.28 17.98 11.64
C THR B 152 4.83 16.68 12.30
N LYS B 153 5.44 15.57 11.90
CA LYS B 153 5.13 14.27 12.49
C LYS B 153 6.06 14.09 13.68
N GLN B 154 5.53 13.60 14.78
CA GLN B 154 6.32 13.41 15.99
C GLN B 154 7.17 12.15 16.00
N GLY B 155 6.80 11.17 15.18
CA GLY B 155 7.55 9.92 15.09
C GLY B 155 7.76 9.17 16.39
N THR B 156 6.75 9.15 17.26
CA THR B 156 6.87 8.44 18.54
C THR B 156 6.44 6.98 18.42
N HIS B 157 5.83 6.64 17.29
CA HIS B 157 5.36 5.28 17.05
C HIS B 157 4.44 4.75 18.14
N GLN B 158 3.46 5.58 18.47
CA GLN B 158 2.44 5.23 19.45
C GLN B 158 1.20 5.11 18.57
N ALA B 159 0.66 3.90 18.50
CA ALA B 159 -0.48 3.59 17.65
C ALA B 159 -1.63 4.60 17.54
N MET B 160 -2.25 4.95 18.67
CA MET B 160 -3.36 5.88 18.62
C MET B 160 -2.93 7.30 18.27
N ASP B 161 -1.82 7.77 18.83
CA ASP B 161 -1.36 9.12 18.50
C ASP B 161 -1.00 9.17 17.02
N ASP B 162 -0.41 8.09 16.51
CA ASP B 162 -0.02 8.01 15.11
C ASP B 162 -1.20 8.08 14.15
N ILE B 163 -2.22 7.28 14.40
CA ILE B 163 -3.36 7.26 13.50
C ILE B 163 -4.18 8.55 13.55
N ARG B 164 -4.27 9.17 14.72
CA ARG B 164 -4.99 10.43 14.84
C ARG B 164 -4.18 11.49 14.09
N GLU B 165 -2.86 11.36 14.17
CA GLU B 165 -1.96 12.27 13.48
C GLU B 165 -2.13 12.13 11.97
N SER B 166 -2.36 10.90 11.51
CA SER B 166 -2.55 10.67 10.08
C SER B 166 -3.82 11.36 9.61
N VAL B 167 -4.85 11.37 10.44
CA VAL B 167 -6.09 12.02 10.08
C VAL B 167 -5.87 13.52 10.01
N ALA B 168 -5.15 14.05 11.00
CA ALA B 168 -4.85 15.48 11.04
C ALA B 168 -3.96 15.88 9.87
N GLU B 169 -3.05 14.98 9.48
CA GLU B 169 -2.15 15.23 8.36
C GLU B 169 -2.94 15.33 7.05
N LEU B 170 -3.88 14.41 6.86
CA LEU B 170 -4.68 14.42 5.64
C LEU B 170 -5.52 15.70 5.58
N ALA B 171 -6.05 16.11 6.73
CA ALA B 171 -6.87 17.32 6.79
C ALA B 171 -5.99 18.50 6.41
N TYR B 172 -4.75 18.48 6.85
CA TYR B 172 -3.79 19.55 6.54
C TYR B 172 -3.58 19.61 5.02
N TYR B 173 -3.36 18.47 4.39
CA TYR B 173 -3.15 18.46 2.95
C TYR B 173 -4.40 18.82 2.16
N ARG B 174 -5.57 18.52 2.71
CA ARG B 174 -6.81 18.85 2.03
C ARG B 174 -6.87 20.36 1.85
N GLU B 175 -6.45 21.08 2.87
CA GLU B 175 -6.46 22.54 2.85
C GLU B 175 -5.30 23.17 2.08
N HIS B 176 -4.11 22.63 2.26
CA HIS B 176 -2.91 23.18 1.63
C HIS B 176 -2.44 22.56 0.32
N PHE B 177 -2.96 21.39 -0.03
CA PHE B 177 -2.49 20.74 -1.24
C PHE B 177 -3.59 20.33 -2.23
N ILE B 178 -4.81 20.18 -1.73
CA ILE B 178 -5.92 19.77 -2.58
C ILE B 178 -6.73 20.98 -3.06
N LYS B 179 -7.15 20.93 -4.31
CA LYS B 179 -7.94 22.00 -4.91
C LYS B 179 -9.39 21.53 -5.04
N LEU B 180 -10.21 21.89 -4.06
CA LEU B 180 -11.63 21.51 -4.08
C LEU B 180 -12.44 22.42 -4.99
ZN ZN C . -2.47 -4.11 -14.42
CD CD D . -2.45 -3.22 -11.13
CD CD E . 11.47 -3.78 0.94
ZN ZN F . -4.54 -6.13 -12.90
CD CD G . 6.20 -24.92 -18.56
CD CD H . 13.37 -19.73 -19.08
CD CD I . 4.72 0.78 -24.34
CD CD J . 3.10 1.90 -25.23
CD CD K . -6.94 18.07 -18.40
CD CD L . -10.12 21.35 -13.92
C ACY M . 10.14 -3.53 3.28
O ACY M . 10.94 -4.48 3.16
OXT ACY M . 9.94 -2.70 2.36
CH3 ACY M . 9.53 -3.26 4.65
C ACY N . -4.28 -1.17 -12.70
O ACY N . -5.09 -2.13 -12.79
OXT ACY N . -3.12 -1.30 -12.26
CH3 ACY N . -4.83 0.23 -12.90
C ACY O . -4.92 -6.65 -10.34
O ACY O . -5.59 -5.60 -10.38
OXT ACY O . -4.37 -7.14 -11.34
CH3 ACY O . -4.73 -7.35 -9.00
C ACY P . 11.21 -21.54 -19.48
O ACY P . 11.11 -20.69 -18.58
OXT ACY P . 12.17 -21.55 -20.28
CH3 ACY P . 10.02 -22.42 -19.78
ZN ZN Q . 2.46 3.89 14.57
CD CD R . 2.43 3.15 11.20
CD CD S . -8.67 -8.38 1.98
ZN ZN T . 5.34 2.54 13.89
CD CD U . -5.53 -13.40 26.96
CD CD V . 3.27 -14.66 27.98
CD CD W . -1.22 11.12 23.19
C ACY X . -7.40 -8.62 -0.44
O ACY X . -7.66 -9.67 0.19
OXT ACY X . -7.66 -7.49 0.00
CH3 ACY X . -6.62 -8.74 -1.74
C ACY Y . 3.15 6.29 11.49
O ACY Y . 2.23 5.47 11.23
OXT ACY Y . 4.18 5.98 12.14
CH3 ACY Y . 3.14 7.62 10.78
C ACY Z . 6.20 1.14 11.80
O ACY Z . 6.23 2.28 11.27
OXT ACY Z . 5.62 0.92 12.89
CH3 ACY Z . 6.79 -0.04 11.06
C ACY AA . -2.79 -13.76 27.87
O ACY AA . -2.92 -13.31 26.71
OXT ACY AA . -3.73 -13.78 28.69
CH3 ACY AA . -1.39 -14.08 28.35
#